data_1T0H
#
_entry.id   1T0H
#
_cell.length_a   36.176
_cell.length_b   45.260
_cell.length_c   58.701
_cell.angle_alpha   107.34
_cell.angle_beta   95.75
_cell.angle_gamma   97.00
#
_symmetry.space_group_name_H-M   'P 1'
#
loop_
_entity.id
_entity.type
_entity.pdbx_description
1 polymer 'VOLTAGE-GATED CALCIUM CHANNEL SUBUNIT BETA2A'
2 polymer 'VOLTAGE-GATED CALCIUM CHANNEL SUBUNIT BETA2A'
3 non-polymer 'CHLORIDE ION'
4 water water
#
loop_
_entity_poly.entity_id
_entity_poly.type
_entity_poly.pdbx_seq_one_letter_code
_entity_poly.pdbx_strand_id
1 'polypeptide(L)'
;GH(MSE)GSADSYTSRPSDSDVSLEEDREAVRREAERQAQAQLEKAKTKPVAFAVRTNVRYSAAQEDDVPVPG(MSE)AI
SFEAKDFLHVKEKFNNDWWIGRLVKEGCEIGFIPSPVKLEN(MSE)RLQHEQRAKQGKFYSSKS
;
A
2 'polypeptide(L)'
;(MSE)SKEKR(MSE)PFFKKTEHTPPYDVVPS(MSE)RPVVLVGPSLKGYEVTD(MSE)(MSE)QKALFDFLKHRFEGRI
SITRVTADISLAKRSVLNNPSKHAIIERSNTRSSLAEVQSEIERIFELARTLQLVVLDADTINHPAQLSKTSLAPIIVYV
KISSPKVLQRLIKSRGKSQAKHLNVQ(MSE)VAADKLAQCPPQESFDVILDENQLEDACEHLADYLEAYWKATHPPSSNL
PNPLLSRT
;
B
#
# COMPACT_ATOMS: atom_id res chain seq x y z
N ARG A 28 -37.46 -9.50 15.78
CA ARG A 28 -37.16 -10.81 15.12
C ARG A 28 -36.06 -10.66 14.04
N ARG A 29 -35.58 -11.82 13.54
CA ARG A 29 -34.61 -11.98 12.43
C ARG A 29 -35.06 -11.50 11.02
N GLU A 30 -36.10 -10.68 11.01
CA GLU A 30 -36.29 -9.70 9.96
C GLU A 30 -35.03 -8.80 9.84
N ALA A 31 -34.34 -8.58 10.97
CA ALA A 31 -33.17 -7.72 11.04
C ALA A 31 -32.03 -8.28 10.17
N GLU A 32 -31.84 -9.60 10.23
CA GLU A 32 -30.87 -10.30 9.42
C GLU A 32 -31.18 -10.15 7.93
N ARG A 33 -32.46 -10.28 7.58
CA ARG A 33 -32.88 -10.11 6.19
C ARG A 33 -32.56 -8.71 5.68
N GLN A 34 -32.81 -7.67 6.46
CA GLN A 34 -32.49 -6.31 6.03
C GLN A 34 -31.00 -6.06 5.92
N ALA A 35 -30.23 -6.63 6.85
CA ALA A 35 -28.80 -6.53 6.83
C ALA A 35 -28.25 -7.20 5.55
N GLN A 36 -28.81 -8.35 5.20
CA GLN A 36 -28.37 -9.12 4.04
C GLN A 36 -28.73 -8.33 2.78
N ALA A 37 -29.87 -7.64 2.78
CA ALA A 37 -30.23 -6.79 1.63
C ALA A 37 -29.26 -5.62 1.45
N GLN A 38 -28.87 -4.97 2.53
CA GLN A 38 -27.92 -3.86 2.43
C GLN A 38 -26.56 -4.32 1.90
N LEU A 39 -26.15 -5.51 2.32
CA LEU A 39 -24.93 -6.12 1.86
C LEU A 39 -25.03 -6.39 0.36
N GLU A 40 -26.14 -6.97 -0.09
CA GLU A 40 -26.28 -7.25 -1.53
C GLU A 40 -26.25 -5.96 -2.34
N LYS A 41 -26.90 -4.92 -1.84
CA LYS A 41 -26.89 -3.62 -2.51
C LYS A 41 -25.52 -2.96 -2.63
N ALA A 42 -24.63 -3.24 -1.68
CA ALA A 42 -23.31 -2.63 -1.65
C ALA A 42 -22.34 -3.26 -2.66
N LYS A 43 -22.68 -4.44 -3.17
CA LYS A 43 -21.82 -5.16 -4.12
C LYS A 43 -21.42 -4.29 -5.30
N THR A 44 -22.29 -3.35 -5.65
CA THR A 44 -22.13 -2.52 -6.84
C THR A 44 -21.69 -1.09 -6.53
N LYS A 45 -21.60 -0.77 -5.23
CA LYS A 45 -21.16 0.55 -4.80
C LYS A 45 -19.63 0.65 -4.87
N PRO A 46 -19.13 1.86 -5.05
CA PRO A 46 -17.68 2.06 -5.11
C PRO A 46 -17.05 2.00 -3.73
N VAL A 47 -15.75 1.77 -3.74
CA VAL A 47 -14.94 1.85 -2.54
C VAL A 47 -14.78 3.30 -2.06
N ALA A 48 -15.26 3.55 -0.86
CA ALA A 48 -15.22 4.89 -0.26
C ALA A 48 -13.81 5.18 0.23
N PHE A 49 -13.23 4.25 0.98
CA PHE A 49 -11.84 4.42 1.44
C PHE A 49 -11.22 3.09 1.77
N ALA A 50 -9.92 3.08 1.99
CA ALA A 50 -9.23 1.85 2.34
C ALA A 50 -8.51 2.07 3.61
N VAL A 51 -8.33 1.01 4.36
CA VAL A 51 -7.55 1.06 5.59
C VAL A 51 -6.52 -0.05 5.62
N ARG A 52 -5.41 0.22 6.29
CA ARG A 52 -4.48 -0.79 6.70
C ARG A 52 -4.68 -1.01 8.22
N THR A 53 -4.81 -2.26 8.65
CA THR A 53 -5.10 -2.57 10.03
C THR A 53 -3.85 -2.56 10.91
N ASN A 54 -4.02 -2.16 12.15
CA ASN A 54 -2.94 -2.23 13.13
C ASN A 54 -3.17 -3.33 14.19
N VAL A 55 -4.32 -3.98 14.13
CA VAL A 55 -4.71 -5.05 15.03
C VAL A 55 -5.36 -6.17 14.23
N ARG A 56 -5.56 -7.31 14.89
CA ARG A 56 -6.30 -8.42 14.29
C ARG A 56 -7.73 -8.47 14.79
N TYR A 57 -8.56 -9.13 14.00
CA TYR A 57 -9.94 -9.46 14.40
C TYR A 57 -10.24 -10.87 13.92
N SER A 58 -10.61 -11.74 14.85
CA SER A 58 -10.92 -13.11 14.54
C SER A 58 -12.35 -13.35 14.97
N ALA A 59 -13.24 -13.35 13.97
CA ALA A 59 -14.66 -13.29 14.23
C ALA A 59 -15.16 -14.52 14.96
N ALA A 60 -16.10 -14.27 15.86
CA ALA A 60 -16.75 -15.30 16.63
C ALA A 60 -18.30 -15.08 16.58
N GLN A 61 -19.08 -16.16 16.68
CA GLN A 61 -20.57 -16.07 16.71
C GLN A 61 -21.07 -15.02 17.67
N GLU A 62 -20.43 -14.93 18.84
CA GLU A 62 -20.85 -14.01 19.90
C GLU A 62 -20.64 -12.53 19.65
N ASP A 63 -19.96 -12.16 18.56
CA ASP A 63 -19.81 -10.76 18.19
C ASP A 63 -21.08 -10.14 17.59
N ASP A 64 -22.11 -10.96 17.35
CA ASP A 64 -23.43 -10.47 16.93
C ASP A 64 -23.35 -9.69 15.61
N VAL A 65 -22.75 -10.35 14.63
CA VAL A 65 -22.57 -9.82 13.30
C VAL A 65 -23.96 -9.65 12.65
N PRO A 66 -24.24 -8.54 11.96
CA PRO A 66 -25.57 -8.36 11.35
C PRO A 66 -26.13 -9.52 10.51
N VAL A 67 -25.26 -10.24 9.84
CA VAL A 67 -25.64 -11.49 9.19
C VAL A 67 -24.61 -12.52 9.63
N PRO A 68 -25.02 -13.48 10.46
CA PRO A 68 -24.09 -14.52 10.88
C PRO A 68 -23.36 -15.13 9.69
N GLY A 69 -22.06 -15.36 9.89
CA GLY A 69 -21.27 -15.93 8.81
C GLY A 69 -20.65 -14.92 7.86
N ALA A 71 -19.03 -11.84 8.81
CA ALA A 71 -18.00 -10.98 9.33
C ALA A 71 -16.71 -11.15 8.48
N ILE A 72 -15.96 -10.07 8.33
CA ILE A 72 -14.64 -10.11 7.69
C ILE A 72 -13.60 -10.16 8.81
N SER A 73 -12.88 -11.27 8.92
CA SER A 73 -11.77 -11.38 9.85
C SER A 73 -10.50 -10.93 9.13
N PHE A 74 -9.54 -10.48 9.93
CA PHE A 74 -8.29 -10.01 9.38
C PHE A 74 -7.15 -10.05 10.43
N GLU A 75 -5.92 -9.95 9.94
CA GLU A 75 -4.72 -9.92 10.76
C GLU A 75 -4.20 -8.49 10.73
N ALA A 76 -3.27 -8.19 11.62
CA ALA A 76 -2.61 -6.90 11.60
C ALA A 76 -1.87 -6.77 10.26
N LYS A 77 -1.92 -5.56 9.70
CA LYS A 77 -1.26 -5.15 8.45
C LYS A 77 -2.00 -5.61 7.18
N ASP A 78 -3.22 -6.12 7.34
CA ASP A 78 -4.12 -6.39 6.22
C ASP A 78 -4.71 -5.09 5.70
N PHE A 79 -5.18 -5.12 4.46
CA PHE A 79 -5.82 -4.00 3.81
C PHE A 79 -7.28 -4.35 3.60
N LEU A 80 -8.14 -3.38 3.89
CA LEU A 80 -9.59 -3.53 3.70
C LEU A 80 -10.08 -2.42 2.80
N HIS A 81 -11.01 -2.76 1.92
CA HIS A 81 -11.71 -1.79 1.13
C HIS A 81 -13.09 -1.57 1.76
N VAL A 82 -13.43 -0.32 2.08
CA VAL A 82 -14.66 -0.05 2.81
C VAL A 82 -15.61 0.68 1.89
N LYS A 83 -16.85 0.19 1.81
CA LYS A 83 -17.90 0.79 0.96
C LYS A 83 -18.83 1.74 1.68
N GLU A 84 -19.29 1.37 2.87
CA GLU A 84 -20.23 2.21 3.58
C GLU A 84 -20.40 1.76 5.02
N LYS A 85 -20.98 2.64 5.82
CA LYS A 85 -21.35 2.37 7.19
C LYS A 85 -22.66 1.56 7.26
N PHE A 86 -22.66 0.48 8.03
CA PHE A 86 -23.90 -0.22 8.29
C PHE A 86 -24.57 0.36 9.55
N ASN A 87 -23.86 0.35 10.67
CA ASN A 87 -24.32 1.03 11.92
C ASN A 87 -23.10 1.46 12.74
N ASN A 88 -23.28 1.77 14.03
CA ASN A 88 -22.16 2.26 14.82
C ASN A 88 -21.10 1.19 15.06
N ASP A 89 -21.50 -0.09 14.99
CA ASP A 89 -20.59 -1.22 15.20
C ASP A 89 -19.97 -1.84 13.96
N TRP A 90 -20.51 -1.59 12.76
CA TRP A 90 -20.15 -2.38 11.58
C TRP A 90 -20.13 -1.53 10.35
N TRP A 91 -19.09 -1.74 9.55
CA TRP A 91 -18.99 -1.20 8.24
C TRP A 91 -19.21 -2.34 7.23
N ILE A 92 -19.40 -2.00 5.95
CA ILE A 92 -19.46 -3.01 4.92
C ILE A 92 -18.25 -2.79 3.99
N GLY A 93 -17.58 -3.88 3.66
CA GLY A 93 -16.41 -3.87 2.81
C GLY A 93 -15.79 -5.26 2.68
N ARG A 94 -14.56 -5.33 2.18
CA ARG A 94 -13.92 -6.60 1.97
C ARG A 94 -12.43 -6.49 2.26
N LEU A 95 -11.87 -7.64 2.59
CA LEU A 95 -10.45 -7.87 2.65
C LEU A 95 -9.88 -7.82 1.24
N VAL A 96 -8.79 -7.10 1.08
CA VAL A 96 -8.15 -7.02 -0.23
C VAL A 96 -7.34 -8.29 -0.42
N LYS A 97 -8.00 -9.30 -0.96
CA LYS A 97 -7.42 -10.62 -1.15
C LYS A 97 -8.23 -11.35 -2.20
N GLU A 98 -7.55 -12.03 -3.12
CA GLU A 98 -8.23 -12.75 -4.17
C GLU A 98 -9.25 -13.68 -3.59
N GLY A 99 -10.46 -13.64 -4.14
CA GLY A 99 -11.55 -14.50 -3.75
C GLY A 99 -12.35 -14.00 -2.54
N CYS A 100 -11.89 -12.94 -1.87
CA CYS A 100 -12.61 -12.39 -0.74
C CYS A 100 -13.72 -11.47 -1.19
N GLU A 101 -14.86 -11.62 -0.53
CA GLU A 101 -16.07 -10.89 -0.87
C GLU A 101 -16.52 -10.00 0.26
N ILE A 102 -17.41 -9.09 -0.10
CA ILE A 102 -18.03 -8.12 0.77
C ILE A 102 -18.66 -8.79 1.99
N GLY A 103 -18.52 -8.14 3.14
CA GLY A 103 -19.09 -8.61 4.38
C GLY A 103 -19.06 -7.45 5.38
N PHE A 104 -19.21 -7.77 6.66
CA PHE A 104 -19.23 -6.77 7.73
C PHE A 104 -17.87 -6.67 8.44
N ILE A 105 -17.33 -5.46 8.48
CA ILE A 105 -16.07 -5.12 9.10
C ILE A 105 -16.40 -4.43 10.44
N PRO A 106 -15.81 -4.83 11.55
CA PRO A 106 -16.04 -4.09 12.81
C PRO A 106 -15.56 -2.64 12.75
N SER A 107 -16.36 -1.71 13.23
CA SER A 107 -15.91 -0.33 13.35
C SER A 107 -14.87 -0.22 14.46
N PRO A 108 -14.16 0.91 14.52
CA PRO A 108 -13.30 1.20 15.67
C PRO A 108 -14.01 1.13 17.05
N VAL A 109 -15.26 1.57 17.11
CA VAL A 109 -16.07 1.50 18.34
C VAL A 109 -16.23 0.05 18.76
N LYS A 110 -16.53 -0.80 17.79
CA LYS A 110 -16.75 -2.22 18.04
C LYS A 110 -15.45 -2.94 18.42
N LEU A 111 -14.35 -2.64 17.73
CA LEU A 111 -13.03 -3.17 18.10
C LEU A 111 -12.63 -2.82 19.52
N GLU A 112 -12.82 -1.57 19.90
CA GLU A 112 -12.52 -1.12 21.26
C GLU A 112 -13.40 -1.79 22.31
N ASN A 113 -14.69 -1.97 22.04
CA ASN A 113 -15.57 -2.63 22.98
C ASN A 113 -15.25 -4.12 23.13
N ARG A 115 -12.13 -5.30 22.74
CA ARG A 115 -10.88 -5.26 23.50
C ARG A 115 -11.14 -5.03 25.02
N LEU A 116 -11.98 -4.04 25.32
CA LEU A 116 -12.45 -3.80 26.69
C LEU A 116 -13.09 -5.04 27.32
N GLN A 117 -14.04 -5.67 26.62
CA GLN A 117 -14.74 -6.86 27.14
C GLN A 117 -13.72 -7.96 27.45
N HIS A 118 -12.77 -8.19 26.56
CA HIS A 118 -11.78 -9.24 26.77
C HIS A 118 -10.89 -8.96 27.98
N GLU A 119 -10.46 -7.71 28.14
CA GLU A 119 -9.55 -7.33 29.23
C GLU A 119 -10.28 -7.39 30.59
N GLN A 120 -11.60 -7.14 30.58
CA GLN A 120 -12.46 -7.28 31.76
C GLN A 120 -12.70 -8.74 32.18
N ARG A 121 -12.83 -9.63 31.21
CA ARG A 121 -13.15 -11.04 31.48
C ARG A 121 -11.91 -11.83 31.83
N ALA A 122 -10.76 -11.42 31.27
CA ALA A 122 -9.45 -11.95 31.64
C ALA A 122 -9.00 -11.45 33.01
N LYS A 123 -9.68 -10.42 33.53
CA LYS A 123 -9.58 -10.00 34.92
C LYS A 123 -10.93 -10.26 35.62
N ARG B 6 11.18 -0.01 31.82
CA ARG B 6 12.02 -1.08 32.37
C ARG B 6 12.70 -1.89 31.25
N PRO B 8 12.75 -3.52 27.58
CA PRO B 8 12.28 -2.78 26.39
C PRO B 8 11.28 -3.52 25.49
N PHE B 9 10.09 -3.81 26.05
CA PHE B 9 8.99 -4.49 25.36
C PHE B 9 8.43 -3.66 24.20
N THR B 16 -2.25 3.46 18.03
CA THR B 16 -3.38 3.03 18.86
C THR B 16 -4.72 2.94 18.13
N PRO B 17 -5.02 3.82 17.18
CA PRO B 17 -6.22 3.62 16.38
C PRO B 17 -6.08 2.27 15.64
N PRO B 18 -7.11 1.47 15.56
CA PRO B 18 -6.99 0.15 14.91
C PRO B 18 -6.76 0.24 13.38
N TYR B 19 -7.19 1.33 12.74
CA TYR B 19 -7.16 1.42 11.28
C TYR B 19 -6.42 2.69 10.87
N ASP B 20 -5.51 2.57 9.89
CA ASP B 20 -4.92 3.73 9.21
C ASP B 20 -5.58 3.83 7.82
N VAL B 21 -6.07 5.01 7.45
CA VAL B 21 -6.60 5.27 6.13
C VAL B 21 -5.40 5.38 5.12
N VAL B 22 -5.46 4.59 4.08
CA VAL B 22 -4.41 4.52 3.05
C VAL B 22 -5.06 4.64 1.66
N PRO B 23 -4.29 4.87 0.59
CA PRO B 23 -4.88 4.95 -0.73
C PRO B 23 -5.57 3.64 -1.05
N SER B 24 -6.62 3.71 -1.87
CA SER B 24 -7.40 2.53 -2.21
C SER B 24 -6.65 1.59 -3.13
N ARG B 26 -2.58 0.68 -3.47
CA ARG B 26 -1.26 0.94 -2.95
C ARG B 26 -0.35 1.44 -4.07
N PRO B 27 0.23 2.62 -3.93
CA PRO B 27 1.09 3.14 -4.99
C PRO B 27 2.39 2.36 -5.15
N VAL B 28 2.75 2.12 -6.41
CA VAL B 28 3.99 1.41 -6.72
C VAL B 28 5.13 2.40 -6.74
N VAL B 29 6.16 2.09 -5.97
CA VAL B 29 7.34 2.91 -5.90
C VAL B 29 8.54 2.00 -6.22
N LEU B 30 9.38 2.44 -7.15
CA LEU B 30 10.63 1.74 -7.47
C LEU B 30 11.81 2.30 -6.71
N VAL B 31 12.64 1.44 -6.14
CA VAL B 31 13.92 1.79 -5.50
C VAL B 31 15.02 0.90 -6.07
N GLY B 32 16.18 1.48 -6.32
CA GLY B 32 17.33 0.77 -6.83
C GLY B 32 17.41 0.81 -8.32
N PRO B 33 18.53 0.32 -8.90
CA PRO B 33 19.61 -0.35 -8.16
C PRO B 33 20.46 0.52 -7.24
N SER B 34 20.45 1.82 -7.49
CA SER B 34 21.22 2.78 -6.74
C SER B 34 20.39 4.07 -6.57
N LEU B 35 21.03 5.22 -6.58
CA LEU B 35 20.35 6.50 -6.37
C LEU B 35 19.63 7.03 -7.61
N LYS B 36 18.39 7.48 -7.44
CA LYS B 36 17.68 8.26 -8.47
C LYS B 36 18.47 9.55 -8.76
N GLY B 37 18.32 10.09 -9.95
CA GLY B 37 19.06 11.26 -10.35
C GLY B 37 20.30 10.95 -11.18
N TYR B 38 20.79 9.69 -11.15
CA TYR B 38 21.99 9.25 -11.88
C TYR B 38 21.62 8.24 -12.94
N GLU B 39 22.44 8.16 -14.00
CA GLU B 39 22.07 7.44 -15.22
C GLU B 39 21.68 5.97 -15.08
N VAL B 40 22.47 5.20 -14.33
CA VAL B 40 22.28 3.75 -14.30
C VAL B 40 20.88 3.45 -13.71
N THR B 41 20.56 4.09 -12.60
CA THR B 41 19.24 3.87 -11.96
C THR B 41 18.10 4.44 -12.84
N ASP B 42 18.27 5.67 -13.31
CA ASP B 42 17.27 6.37 -14.13
C ASP B 42 16.95 5.62 -15.42
N GLN B 45 15.06 2.14 -14.32
CA GLN B 45 13.68 2.45 -13.90
C GLN B 45 12.82 2.93 -15.07
N LYS B 46 13.39 3.73 -15.96
CA LYS B 46 12.65 4.18 -17.15
C LYS B 46 12.19 3.01 -18.03
N ALA B 47 13.02 2.00 -18.19
CA ALA B 47 12.62 0.83 -18.96
C ALA B 47 11.41 0.13 -18.33
N LEU B 48 11.36 0.09 -17.01
CA LEU B 48 10.29 -0.57 -16.30
C LEU B 48 9.02 0.24 -16.40
N PHE B 49 9.10 1.55 -16.20
CA PHE B 49 7.92 2.41 -16.37
C PHE B 49 7.35 2.30 -17.76
N ASP B 50 8.24 2.35 -18.76
CA ASP B 50 7.84 2.24 -20.17
C ASP B 50 7.01 0.96 -20.36
N PHE B 51 7.53 -0.13 -19.82
CA PHE B 51 6.87 -1.43 -19.94
C PHE B 51 5.47 -1.45 -19.30
N LEU B 52 5.34 -0.86 -18.11
CA LEU B 52 4.07 -0.83 -17.38
C LEU B 52 2.99 -0.02 -18.12
N LYS B 53 3.40 1.10 -18.67
CA LYS B 53 2.48 1.97 -19.40
C LYS B 53 1.77 1.18 -20.50
N HIS B 54 2.50 0.30 -21.18
CA HIS B 54 1.86 -0.41 -22.26
C HIS B 54 1.27 -1.75 -21.86
N ARG B 55 1.89 -2.49 -20.94
CA ARG B 55 1.30 -3.72 -20.42
C ARG B 55 -0.02 -3.52 -19.65
N PHE B 56 -0.17 -2.38 -18.96
CA PHE B 56 -1.35 -2.08 -18.16
C PHE B 56 -2.12 -0.91 -18.72
N GLU B 57 -2.04 -0.74 -20.05
CA GLU B 57 -2.70 0.35 -20.74
C GLU B 57 -4.17 0.31 -20.41
N GLY B 58 -4.74 1.46 -20.07
CA GLY B 58 -6.14 1.57 -19.69
C GLY B 58 -6.45 1.25 -18.23
N ARG B 59 -5.44 0.73 -17.52
CA ARG B 59 -5.59 0.34 -16.13
C ARG B 59 -4.57 1.02 -15.19
N ILE B 60 -3.79 1.97 -15.72
CA ILE B 60 -2.65 2.50 -15.01
C ILE B 60 -2.50 4.01 -15.13
N SER B 61 -2.06 4.61 -14.04
CA SER B 61 -1.68 6.00 -13.96
C SER B 61 -0.29 6.07 -13.38
N ILE B 62 0.65 6.61 -14.15
CA ILE B 62 2.03 6.81 -13.75
C ILE B 62 2.28 8.31 -13.63
N THR B 63 2.74 8.73 -12.48
CA THR B 63 2.83 10.14 -12.21
C THR B 63 4.13 10.43 -11.50
N ARG B 64 4.67 11.58 -11.85
CA ARG B 64 5.89 12.09 -11.25
C ARG B 64 5.54 12.74 -9.94
N VAL B 65 6.35 12.46 -8.93
CA VAL B 65 6.25 13.14 -7.65
C VAL B 65 7.62 13.69 -7.35
N THR B 66 7.75 15.01 -7.38
CA THR B 66 9.02 15.66 -7.04
C THR B 66 9.10 16.08 -5.56
N ALA B 67 7.94 16.25 -4.93
CA ALA B 67 7.93 16.67 -3.54
C ALA B 67 8.47 15.54 -2.64
N ASP B 68 9.01 15.92 -1.49
CA ASP B 68 9.59 14.94 -0.62
C ASP B 68 8.56 14.26 0.28
N ILE B 69 7.96 13.23 -0.27
CA ILE B 69 6.92 12.50 0.41
C ILE B 69 7.43 11.65 1.56
N SER B 70 8.75 11.57 1.80
CA SER B 70 9.27 10.99 3.03
C SER B 70 8.86 11.81 4.26
N LEU B 71 8.50 13.06 4.04
CA LEU B 71 8.11 13.97 5.09
C LEU B 71 6.65 13.82 5.54
N ALA B 72 5.85 13.03 4.84
CA ALA B 72 4.43 12.83 5.23
C ALA B 72 4.29 12.01 6.53
N LYS B 73 3.25 12.28 7.35
CA LYS B 73 2.93 11.40 8.53
C LYS B 73 1.57 10.70 8.41
N ALA B 84 2.56 25.10 21.47
CA ALA B 84 2.34 24.05 20.47
C ALA B 84 2.88 24.47 19.08
N ILE B 85 4.18 24.20 18.84
CA ILE B 85 4.86 24.74 17.66
C ILE B 85 4.40 24.08 16.38
N ILE B 86 4.12 24.91 15.37
CA ILE B 86 3.75 24.41 14.05
C ILE B 86 4.92 23.66 13.42
N GLU B 87 4.68 22.43 13.04
CA GLU B 87 5.69 21.64 12.34
C GLU B 87 5.88 22.14 10.91
N ARG B 88 7.14 22.35 10.55
CA ARG B 88 7.54 22.82 9.24
C ARG B 88 8.71 21.99 8.80
N SER B 89 8.93 21.92 7.49
CA SER B 89 10.03 21.18 6.90
C SER B 89 11.29 21.99 7.01
N ASN B 90 12.40 21.29 7.18
CA ASN B 90 13.72 21.89 7.16
C ASN B 90 14.33 22.01 5.74
N THR B 91 13.62 21.57 4.71
CA THR B 91 14.11 21.64 3.33
C THR B 91 13.18 22.48 2.47
N ARG B 92 13.48 22.53 1.17
CA ARG B 92 12.70 23.26 0.21
C ARG B 92 11.31 22.67 -0.03
N SER B 93 11.13 21.42 0.34
CA SER B 93 9.84 20.79 0.16
C SER B 93 9.03 21.03 1.45
N SER B 94 7.97 21.83 1.33
CA SER B 94 7.19 22.22 2.48
C SER B 94 6.21 21.09 2.86
N LEU B 95 5.80 21.06 4.13
CA LEU B 95 4.82 20.11 4.60
C LEU B 95 3.48 20.35 3.94
N ALA B 96 3.16 21.59 3.63
CA ALA B 96 1.94 21.88 2.90
C ALA B 96 1.99 21.31 1.46
N GLU B 97 3.11 21.46 0.74
CA GLU B 97 3.24 20.89 -0.62
C GLU B 97 3.18 19.39 -0.56
N VAL B 98 3.78 18.78 0.45
CA VAL B 98 3.79 17.33 0.60
C VAL B 98 2.37 16.84 0.84
N GLN B 99 1.66 17.48 1.76
CA GLN B 99 0.24 17.12 2.01
C GLN B 99 -0.63 17.23 0.74
N SER B 100 -0.46 18.27 -0.04
CA SER B 100 -1.17 18.40 -1.32
C SER B 100 -0.83 17.21 -2.25
N GLU B 101 0.45 16.78 -2.27
CA GLU B 101 0.82 15.68 -3.14
C GLU B 101 0.21 14.35 -2.62
N ILE B 102 0.17 14.16 -1.31
CA ILE B 102 -0.43 12.96 -0.72
C ILE B 102 -1.90 12.90 -1.13
N GLU B 103 -2.59 14.02 -1.04
CA GLU B 103 -4.00 14.09 -1.39
C GLU B 103 -4.19 13.77 -2.86
N ARG B 104 -3.31 14.27 -3.73
CA ARG B 104 -3.38 13.97 -5.16
C ARG B 104 -3.19 12.48 -5.44
N ILE B 105 -2.29 11.84 -4.70
CA ILE B 105 -2.02 10.39 -4.83
C ILE B 105 -3.25 9.56 -4.41
N PHE B 106 -3.86 9.94 -3.30
CA PHE B 106 -5.10 9.33 -2.84
C PHE B 106 -6.20 9.47 -3.94
N GLU B 107 -6.35 10.67 -4.49
CA GLU B 107 -7.36 10.89 -5.51
C GLU B 107 -7.10 10.01 -6.75
N LEU B 108 -5.84 9.92 -7.18
CA LEU B 108 -5.45 9.10 -8.32
C LEU B 108 -5.90 7.64 -8.12
N ALA B 109 -5.88 7.18 -6.87
CA ALA B 109 -6.15 5.79 -6.54
C ALA B 109 -7.63 5.51 -6.31
N ARG B 110 -8.41 6.57 -6.18
CA ARG B 110 -9.80 6.46 -5.78
C ARG B 110 -10.66 5.54 -6.67
N THR B 111 -10.41 5.54 -7.96
CA THR B 111 -11.23 4.72 -8.88
C THR B 111 -10.60 3.35 -9.15
N LEU B 112 -9.58 2.99 -8.39
CA LEU B 112 -8.99 1.69 -8.43
C LEU B 112 -8.17 1.38 -9.71
N GLN B 113 -7.64 2.41 -10.37
CA GLN B 113 -6.58 2.22 -11.34
C GLN B 113 -5.26 1.91 -10.62
N LEU B 114 -4.38 1.13 -11.24
CA LEU B 114 -3.01 1.03 -10.71
C LEU B 114 -2.32 2.39 -10.67
N VAL B 115 -1.76 2.74 -9.52
CA VAL B 115 -1.01 3.96 -9.39
C VAL B 115 0.48 3.62 -9.27
N VAL B 116 1.28 4.20 -10.16
CA VAL B 116 2.74 4.10 -10.09
C VAL B 116 3.30 5.49 -9.86
N LEU B 117 4.18 5.61 -8.88
CA LEU B 117 4.77 6.89 -8.60
C LEU B 117 6.19 6.90 -9.03
N ASP B 118 6.58 7.92 -9.80
CA ASP B 118 8.00 8.16 -10.07
C ASP B 118 8.45 9.21 -9.06
N ALA B 119 8.80 8.71 -7.88
CA ALA B 119 9.05 9.55 -6.71
C ALA B 119 10.54 9.83 -6.55
N ASP B 120 10.98 11.00 -7.02
CA ASP B 120 12.39 11.43 -7.03
C ASP B 120 13.19 11.20 -5.73
N THR B 121 12.56 11.45 -4.59
CA THR B 121 13.31 11.51 -3.36
C THR B 121 13.38 10.20 -2.65
N ILE B 122 12.68 9.17 -3.13
CA ILE B 122 12.62 7.90 -2.41
C ILE B 122 13.58 6.87 -3.02
N ASN B 123 14.65 6.54 -2.28
CA ASN B 123 15.65 5.52 -2.66
C ASN B 123 15.73 4.35 -1.72
N HIS B 124 14.94 4.35 -0.66
CA HIS B 124 15.04 3.31 0.37
C HIS B 124 13.68 3.20 1.00
N PRO B 125 13.19 1.99 1.20
CA PRO B 125 11.84 1.77 1.69
C PRO B 125 11.58 2.37 3.11
N ALA B 126 12.60 2.49 3.95
CA ALA B 126 12.41 3.12 5.27
C ALA B 126 11.90 4.55 5.17
N GLN B 127 12.16 5.18 4.03
CA GLN B 127 11.70 6.54 3.79
C GLN B 127 10.17 6.69 3.71
N LEU B 128 9.45 5.62 3.35
CA LEU B 128 7.98 5.66 3.30
C LEU B 128 7.27 4.92 4.41
N SER B 129 8.07 4.26 5.25
CA SER B 129 7.59 3.39 6.34
C SER B 129 6.64 3.99 7.33
N LYS B 130 6.79 5.28 7.60
CA LYS B 130 6.01 5.95 8.62
C LYS B 130 4.95 6.86 8.00
N THR B 131 4.77 6.78 6.69
CA THR B 131 3.73 7.53 6.00
C THR B 131 2.45 6.71 5.90
N SER B 132 1.41 7.38 5.42
CA SER B 132 0.11 6.80 5.16
C SER B 132 -0.02 6.18 3.77
N LEU B 133 1.06 6.12 2.99
CA LEU B 133 0.94 5.76 1.57
C LEU B 133 0.87 4.25 1.34
N ALA B 134 1.42 3.47 2.28
CA ALA B 134 1.45 2.00 2.20
C ALA B 134 1.86 1.52 0.80
N PRO B 135 3.01 1.98 0.30
CA PRO B 135 3.41 1.65 -1.06
C PRO B 135 3.68 0.15 -1.26
N ILE B 136 3.57 -0.27 -2.52
CA ILE B 136 4.20 -1.46 -3.02
C ILE B 136 5.61 -1.06 -3.45
N ILE B 137 6.58 -1.55 -2.72
CA ILE B 137 7.97 -1.20 -2.94
C ILE B 137 8.57 -2.26 -3.83
N VAL B 138 9.08 -1.80 -4.96
CA VAL B 138 9.73 -2.65 -5.94
C VAL B 138 11.22 -2.36 -5.93
N TYR B 139 12.00 -3.35 -5.54
CA TYR B 139 13.44 -3.31 -5.54
C TYR B 139 14.00 -3.78 -6.87
N VAL B 140 14.58 -2.84 -7.61
CA VAL B 140 15.28 -3.10 -8.84
C VAL B 140 16.73 -3.32 -8.44
N LYS B 141 17.15 -4.58 -8.44
CA LYS B 141 18.38 -5.01 -7.78
C LYS B 141 19.40 -5.49 -8.81
N ILE B 142 20.64 -5.01 -8.72
CA ILE B 142 21.80 -5.67 -9.36
C ILE B 142 22.52 -6.41 -8.24
N SER B 143 22.46 -7.74 -8.26
CA SER B 143 22.84 -8.47 -7.06
C SER B 143 24.33 -8.42 -6.80
N SER B 144 25.13 -8.22 -7.85
CA SER B 144 26.57 -8.13 -7.70
C SER B 144 27.02 -6.67 -7.76
N PRO B 145 27.63 -6.19 -6.67
CA PRO B 145 28.22 -4.85 -6.65
C PRO B 145 29.23 -4.63 -7.77
N LYS B 146 30.02 -5.65 -8.13
CA LYS B 146 31.05 -5.47 -9.16
C LYS B 146 30.39 -5.13 -10.48
N VAL B 147 29.22 -5.71 -10.70
CA VAL B 147 28.45 -5.47 -11.91
C VAL B 147 27.95 -4.06 -11.93
N LEU B 148 27.49 -3.59 -10.76
CA LEU B 148 26.98 -2.22 -10.67
C LEU B 148 28.11 -1.19 -10.92
N GLN B 149 29.28 -1.43 -10.32
CA GLN B 149 30.41 -0.53 -10.47
C GLN B 149 30.80 -0.37 -11.92
N ARG B 150 30.81 -1.48 -12.67
CA ARG B 150 31.13 -1.48 -14.11
C ARG B 150 30.08 -0.75 -14.93
N LEU B 151 28.79 -1.00 -14.68
CA LEU B 151 27.73 -0.24 -15.38
C LEU B 151 27.92 1.26 -15.21
N ILE B 152 28.11 1.69 -13.97
CA ILE B 152 28.25 3.12 -13.69
C ILE B 152 29.44 3.73 -14.41
N LYS B 153 30.61 3.09 -14.28
CA LYS B 153 31.86 3.62 -14.85
C LYS B 153 31.90 3.62 -16.40
N SER B 154 31.03 2.83 -17.02
CA SER B 154 30.97 2.75 -18.49
C SER B 154 30.16 3.90 -19.10
N ARG B 155 29.41 4.61 -18.26
CA ARG B 155 28.59 5.75 -18.71
C ARG B 155 29.40 7.03 -18.88
N HIS B 162 31.10 10.76 -7.86
CA HIS B 162 29.72 10.30 -7.57
C HIS B 162 29.57 8.76 -7.50
N LEU B 163 30.65 8.01 -7.74
CA LEU B 163 30.60 6.54 -7.67
C LEU B 163 30.31 6.07 -6.25
N ASN B 164 31.00 6.65 -5.26
CA ASN B 164 30.87 6.19 -3.87
C ASN B 164 29.42 6.29 -3.34
N VAL B 165 28.77 7.43 -3.50
CA VAL B 165 27.40 7.61 -3.03
C VAL B 165 26.45 6.60 -3.68
N GLN B 166 26.65 6.28 -4.97
CA GLN B 166 25.85 5.29 -5.63
C GLN B 166 26.07 3.88 -5.05
N VAL B 168 27.23 3.10 -2.09
CA VAL B 168 26.76 3.11 -0.71
C VAL B 168 25.23 2.88 -0.69
N ALA B 169 24.50 3.59 -1.54
CA ALA B 169 23.05 3.43 -1.70
C ALA B 169 22.61 2.01 -2.04
N ALA B 170 23.26 1.40 -3.04
CA ALA B 170 22.96 0.04 -3.42
C ALA B 170 23.24 -0.90 -2.28
N ASP B 171 24.30 -0.62 -1.50
CA ASP B 171 24.65 -1.49 -0.37
C ASP B 171 23.63 -1.37 0.78
N LYS B 172 23.12 -0.17 1.01
CA LYS B 172 22.08 0.01 2.03
C LYS B 172 20.85 -0.81 1.65
N LEU B 173 20.51 -0.85 0.36
CA LEU B 173 19.36 -1.66 -0.09
C LEU B 173 19.64 -3.15 0.12
N ALA B 174 20.87 -3.57 -0.15
CA ALA B 174 21.27 -4.97 -0.01
C ALA B 174 21.25 -5.46 1.44
N GLN B 175 21.28 -4.52 2.38
CA GLN B 175 21.22 -4.79 3.82
C GLN B 175 19.83 -4.88 4.43
N CYS B 176 18.80 -4.43 3.69
CA CYS B 176 17.42 -4.52 4.13
C CYS B 176 16.98 -5.98 4.31
N PRO B 177 16.26 -6.29 5.38
CA PRO B 177 15.60 -7.58 5.50
C PRO B 177 14.55 -7.69 4.40
N PRO B 178 14.76 -8.55 3.41
CA PRO B 178 14.09 -8.43 2.12
C PRO B 178 12.58 -8.67 2.17
N GLN B 179 12.16 -9.67 2.94
CA GLN B 179 10.75 -10.10 3.06
C GLN B 179 9.86 -8.99 3.59
N GLU B 180 10.35 -8.26 4.60
CA GLU B 180 9.63 -7.15 5.21
C GLU B 180 9.90 -5.78 4.56
N SER B 181 10.99 -5.62 3.83
CA SER B 181 11.30 -4.30 3.28
C SER B 181 10.69 -4.06 1.92
N PHE B 182 10.58 -5.11 1.13
CA PHE B 182 10.19 -5.01 -0.26
C PHE B 182 8.96 -5.86 -0.53
N ASP B 183 8.10 -5.41 -1.43
CA ASP B 183 6.98 -6.22 -1.88
C ASP B 183 7.37 -7.11 -3.07
N VAL B 184 8.27 -6.60 -3.91
CA VAL B 184 8.74 -7.31 -5.08
C VAL B 184 10.22 -7.02 -5.27
N ILE B 185 11.00 -8.06 -5.58
CA ILE B 185 12.41 -7.90 -5.84
C ILE B 185 12.70 -8.36 -7.30
N LEU B 186 13.25 -7.49 -8.09
CA LEU B 186 13.49 -7.76 -9.50
C LEU B 186 15.03 -7.84 -9.65
N ASP B 187 15.54 -9.04 -9.46
CA ASP B 187 16.98 -9.27 -9.56
C ASP B 187 17.40 -9.96 -10.87
N GLU B 188 16.46 -10.06 -11.81
CA GLU B 188 16.69 -10.78 -13.04
C GLU B 188 17.66 -9.98 -13.91
N ASN B 189 18.68 -10.65 -14.44
CA ASN B 189 19.59 -10.05 -15.43
C ASN B 189 18.85 -9.55 -16.69
N GLN B 190 17.93 -10.36 -17.22
CA GLN B 190 17.24 -10.04 -18.46
C GLN B 190 16.02 -9.16 -18.16
N LEU B 191 16.02 -7.97 -18.78
CA LEU B 191 14.97 -6.99 -18.63
C LEU B 191 13.58 -7.62 -18.82
N GLU B 192 13.41 -8.45 -19.86
CA GLU B 192 12.11 -9.02 -20.19
C GLU B 192 11.58 -9.91 -19.06
N ASP B 193 12.47 -10.68 -18.42
CA ASP B 193 12.15 -11.50 -17.25
C ASP B 193 11.77 -10.65 -16.01
N ALA B 194 12.47 -9.54 -15.81
CA ALA B 194 12.13 -8.64 -14.70
C ALA B 194 10.74 -8.05 -14.94
N CYS B 195 10.48 -7.65 -16.18
CA CYS B 195 9.21 -7.06 -16.57
C CYS B 195 8.07 -8.06 -16.37
N GLU B 196 8.27 -9.31 -16.74
CA GLU B 196 7.22 -10.30 -16.60
C GLU B 196 6.94 -10.61 -15.11
N HIS B 197 7.99 -10.63 -14.29
CA HIS B 197 7.87 -10.82 -12.84
C HIS B 197 7.05 -9.67 -12.25
N LEU B 198 7.39 -8.42 -12.58
CA LEU B 198 6.64 -7.25 -12.08
C LEU B 198 5.17 -7.33 -12.52
N ALA B 199 4.95 -7.61 -13.82
CA ALA B 199 3.58 -7.76 -14.38
C ALA B 199 2.74 -8.82 -13.66
N ASP B 200 3.31 -9.99 -13.42
CA ASP B 200 2.61 -11.04 -12.69
C ASP B 200 2.18 -10.58 -11.28
N TYR B 201 3.07 -9.89 -10.56
CA TYR B 201 2.74 -9.39 -9.24
C TYR B 201 1.61 -8.36 -9.31
N LEU B 202 1.64 -7.48 -10.30
CA LEU B 202 0.64 -6.44 -10.39
C LEU B 202 -0.69 -6.97 -10.93
N GLU B 203 -0.63 -8.04 -11.73
CA GLU B 203 -1.84 -8.71 -12.20
C GLU B 203 -2.56 -9.37 -11.02
N ALA B 204 -1.81 -9.96 -10.11
CA ALA B 204 -2.38 -10.58 -8.91
C ALA B 204 -2.98 -9.55 -7.98
N TYR B 205 -2.33 -8.39 -7.84
CA TYR B 205 -2.87 -7.28 -7.10
C TYR B 205 -4.14 -6.69 -7.75
N TRP B 206 -4.19 -6.61 -9.09
CA TRP B 206 -5.36 -6.18 -9.80
C TRP B 206 -6.54 -7.06 -9.42
N LYS B 207 -6.34 -8.37 -9.39
CA LYS B 207 -7.38 -9.34 -9.08
C LYS B 207 -7.79 -9.23 -7.62
N ALA B 208 -6.82 -8.98 -6.74
CA ALA B 208 -7.12 -8.81 -5.31
C ALA B 208 -8.02 -7.59 -5.07
N THR B 209 -7.85 -6.55 -5.89
CA THR B 209 -8.54 -5.28 -5.72
C THR B 209 -9.81 -5.15 -6.57
N HIS B 210 -10.01 -6.08 -7.48
CA HIS B 210 -11.15 -6.06 -8.40
C HIS B 210 -11.84 -7.42 -8.45
N PRO B 211 -12.75 -7.65 -7.52
CA PRO B 211 -13.46 -8.94 -7.49
C PRO B 211 -14.28 -9.00 -8.79
N PRO B 212 -14.39 -10.16 -9.44
CA PRO B 212 -15.08 -10.30 -10.73
C PRO B 212 -16.44 -9.58 -10.90
N ARG B 223 12.78 9.68 -15.96
CA ARG B 223 12.34 8.28 -15.97
C ARG B 223 10.95 8.12 -16.58
N THR B 224 10.21 9.22 -16.63
CA THR B 224 8.86 9.26 -17.18
C THR B 224 8.56 10.61 -17.88
#